data_9FPD
#
_entry.id   9FPD
#
_cell.length_a   58.28
_cell.length_b   133.755
_cell.length_c   144.725
_cell.angle_alpha   90
_cell.angle_beta   90
_cell.angle_gamma   90
#
_symmetry.space_group_name_H-M   'I 2 2 2'
#
loop_
_entity.id
_entity.type
_entity.pdbx_description
1 polymer 'Mitogen-activated protein kinase kinase kinase 7,TGF-beta-activated kinase 1 and MAP3K7-binding protein 1'
2 non-polymer 6-[5-[6-(4-oxidanylcyclohexyl)oxy-1~{H}-pyrrolo[2,3-b]pyridin-5-yl]-1,2-oxazol-3-yl]pyridine-2-carboxamide
3 non-polymer 1,2-ETHANEDIOL
4 water water
#
_entity_poly.entity_id   1
_entity_poly.type   'polypeptide(L)'
_entity_poly.pdbx_seq_one_letter_code
;MGSLHMIDYKEIEVEEVVGRGAFGVVCKAKWRAKDVAIKQIESESERKAFIVELRQLSRVNHPNIVKLYGACLNPVCLVM
EYAEGGSLYNVLHGAEPLPYYTAAHAMSWCLQCSQGVAYLHSMQPKALIHRDLKPPNLLLVAGGTVLKICDFGTACDIQT
HM(TPO)NNKG(SEP)AAWMAPEVFEGSNYSEKCDVFSWGIILWEVITRRKPFDEIGGPAFRIMWAVHNGTRPPLIKNLP
KPIESLMTRCWSKDPSQRPSMEEIVKIMTHLMRYFPGADEPLQYPCQHSLPPGEDGRVEPYVDFAEFYRLWSVDHGEQSV
VTAP
;
_entity_poly.pdbx_strand_id   A
#
loop_
_chem_comp.id
_chem_comp.type
_chem_comp.name
_chem_comp.formula
A1IED non-polymer 6-[5-[6-(4-oxidanylcyclohexyl)oxy-1~{H}-pyrrolo[2,3-b]pyridin-5-yl]-1,2-oxazol-3-yl]pyridine-2-carboxamide 'C22 H21 N5 O4'
EDO non-polymer 1,2-ETHANEDIOL 'C2 H6 O2'
#
# COMPACT_ATOMS: atom_id res chain seq x y z
N GLY A 2 8.26 -17.04 -14.78
CA GLY A 2 9.04 -17.40 -13.59
C GLY A 2 9.07 -18.90 -13.35
N SER A 3 9.32 -19.31 -12.10
CA SER A 3 9.39 -20.73 -11.77
C SER A 3 8.71 -21.02 -10.42
N LEU A 4 7.64 -21.83 -10.44
CA LEU A 4 6.92 -22.16 -9.22
C LEU A 4 6.99 -23.66 -8.90
N HIS A 5 6.81 -24.00 -7.61
CA HIS A 5 6.85 -25.38 -7.17
C HIS A 5 5.43 -25.95 -7.06
N MET A 6 5.18 -27.12 -7.65
CA MET A 6 3.87 -27.75 -7.58
C MET A 6 3.76 -28.52 -6.28
N ILE A 7 3.58 -27.79 -5.19
CA ILE A 7 3.52 -28.31 -3.83
C ILE A 7 2.28 -29.17 -3.56
N ASP A 8 2.49 -30.33 -2.90
CA ASP A 8 1.39 -31.21 -2.51
C ASP A 8 0.86 -30.76 -1.14
N TYR A 9 -0.39 -31.11 -0.81
CA TYR A 9 -0.98 -30.73 0.47
C TYR A 9 -0.36 -31.50 1.67
N LYS A 10 0.36 -32.59 1.40
CA LYS A 10 1.05 -33.36 2.44
C LYS A 10 2.34 -32.67 2.95
N GLU A 11 2.85 -31.68 2.19
CA GLU A 11 4.06 -30.93 2.53
C GLU A 11 3.75 -29.63 3.31
N ILE A 12 2.50 -29.15 3.25
CA ILE A 12 2.09 -27.93 3.93
C ILE A 12 1.33 -28.22 5.24
N GLU A 13 1.75 -27.59 6.35
CA GLU A 13 1.09 -27.78 7.64
C GLU A 13 0.40 -26.48 8.07
N VAL A 14 -0.94 -26.45 8.01
CA VAL A 14 -1.73 -25.27 8.37
C VAL A 14 -1.80 -25.06 9.90
N GLU A 15 -1.53 -23.84 10.38
CA GLU A 15 -1.57 -23.53 11.81
C GLU A 15 -2.89 -22.85 12.22
N GLU A 16 -3.28 -21.76 11.52
CA GLU A 16 -4.48 -21.01 11.84
C GLU A 16 -4.96 -20.14 10.65
N VAL A 17 -6.14 -19.53 10.75
CA VAL A 17 -6.64 -18.65 9.70
C VAL A 17 -6.35 -17.21 10.11
N VAL A 18 -5.49 -16.51 9.36
CA VAL A 18 -5.13 -15.13 9.70
C VAL A 18 -6.11 -14.07 9.17
N GLY A 19 -7.03 -14.47 8.30
CA GLY A 19 -8.01 -13.56 7.74
C GLY A 19 -8.15 -13.65 6.24
N ARG A 20 -9.02 -12.83 5.65
CA ARG A 20 -9.24 -12.83 4.22
C ARG A 20 -8.75 -11.52 3.61
N GLY A 21 -8.03 -11.62 2.49
CA GLY A 21 -7.52 -10.45 1.79
C GLY A 21 -8.52 -9.92 0.79
N ALA A 22 -8.04 -9.31 -0.30
CA ALA A 22 -8.91 -8.78 -1.36
C ALA A 22 -9.72 -9.88 -2.05
N PHE A 23 -9.25 -11.14 -1.98
CA PHE A 23 -9.89 -12.33 -2.51
C PHE A 23 -9.25 -13.57 -1.89
N GLY A 24 -10.07 -14.57 -1.55
CA GLY A 24 -9.59 -15.82 -0.99
C GLY A 24 -9.44 -15.82 0.52
N VAL A 25 -8.88 -16.92 1.07
CA VAL A 25 -8.66 -17.08 2.50
C VAL A 25 -7.16 -17.29 2.78
N VAL A 26 -6.54 -16.38 3.52
CA VAL A 26 -5.13 -16.48 3.85
C VAL A 26 -4.95 -17.26 5.16
N CYS A 27 -4.15 -18.34 5.13
CA CYS A 27 -3.92 -19.15 6.32
C CYS A 27 -2.44 -19.26 6.65
N LYS A 28 -2.09 -19.23 7.93
CA LYS A 28 -0.72 -19.38 8.39
C LYS A 28 -0.31 -20.83 8.17
N ALA A 29 0.90 -21.07 7.64
CA ALA A 29 1.34 -22.44 7.35
C ALA A 29 2.87 -22.64 7.48
N LYS A 30 3.32 -23.90 7.58
CA LYS A 30 4.74 -24.23 7.67
C LYS A 30 5.08 -25.25 6.59
N TRP A 31 5.84 -24.84 5.57
CA TRP A 31 6.22 -25.71 4.46
C TRP A 31 7.74 -25.76 4.31
N ARG A 32 8.33 -26.95 4.50
CA ARG A 32 9.77 -27.21 4.40
C ARG A 32 10.60 -26.27 5.30
N ALA A 33 10.33 -26.31 6.62
CA ALA A 33 10.99 -25.49 7.66
C ALA A 33 11.00 -23.99 7.29
N LYS A 34 9.87 -23.50 6.78
CA LYS A 34 9.72 -22.10 6.39
C LYS A 34 8.26 -21.70 6.57
N ASP A 35 8.02 -20.54 7.21
CA ASP A 35 6.67 -20.06 7.44
C ASP A 35 6.12 -19.43 6.17
N VAL A 36 5.04 -20.00 5.65
CA VAL A 36 4.39 -19.52 4.42
C VAL A 36 2.92 -19.15 4.65
N ALA A 37 2.33 -18.40 3.71
CA ALA A 37 0.93 -18.02 3.78
C ALA A 37 0.23 -18.67 2.59
N ILE A 38 -0.81 -19.47 2.85
CA ILE A 38 -1.52 -20.16 1.76
C ILE A 38 -2.89 -19.55 1.45
N LYS A 39 -3.00 -18.84 0.33
CA LYS A 39 -4.26 -18.23 -0.08
C LYS A 39 -5.04 -19.26 -0.89
N GLN A 40 -6.15 -19.76 -0.34
CA GLN A 40 -6.96 -20.77 -1.02
C GLN A 40 -8.23 -20.20 -1.65
N ILE A 41 -8.86 -20.94 -2.56
CA ILE A 41 -10.08 -20.52 -3.23
C ILE A 41 -11.28 -20.61 -2.25
N GLU A 42 -11.97 -19.49 -2.03
CA GLU A 42 -13.13 -19.45 -1.13
C GLU A 42 -14.43 -19.66 -1.92
N SER A 43 -14.51 -19.06 -3.12
CA SER A 43 -15.68 -19.17 -3.99
C SER A 43 -15.26 -19.43 -5.44
N GLU A 44 -16.13 -20.06 -6.24
CA GLU A 44 -15.83 -20.33 -7.65
C GLU A 44 -15.72 -19.07 -8.52
N SER A 45 -16.18 -17.92 -8.01
CA SER A 45 -16.09 -16.63 -8.69
C SER A 45 -14.65 -16.06 -8.63
N GLU A 46 -13.85 -16.45 -7.63
CA GLU A 46 -12.49 -15.97 -7.43
C GLU A 46 -11.44 -16.72 -8.27
N ARG A 47 -11.87 -17.43 -9.33
CA ARG A 47 -10.93 -18.15 -10.19
C ARG A 47 -10.25 -17.24 -11.21
N LYS A 48 -10.87 -16.09 -11.57
CA LYS A 48 -10.26 -15.16 -12.52
C LYS A 48 -9.11 -14.41 -11.83
N ALA A 49 -9.36 -13.91 -10.61
CA ALA A 49 -8.37 -13.18 -9.81
C ALA A 49 -7.19 -14.07 -9.40
N PHE A 50 -7.42 -15.39 -9.28
CA PHE A 50 -6.40 -16.37 -8.93
C PHE A 50 -5.45 -16.61 -10.10
N ILE A 51 -5.98 -16.76 -11.32
CA ILE A 51 -5.18 -16.96 -12.54
C ILE A 51 -4.30 -15.73 -12.80
N VAL A 52 -4.86 -14.53 -12.58
CA VAL A 52 -4.15 -13.26 -12.74
C VAL A 52 -3.02 -13.11 -11.72
N GLU A 53 -3.29 -13.35 -10.42
CA GLU A 53 -2.24 -13.24 -9.40
C GLU A 53 -1.12 -14.28 -9.60
N LEU A 54 -1.46 -15.49 -10.06
CA LEU A 54 -0.47 -16.52 -10.31
C LEU A 54 0.43 -16.10 -11.49
N ARG A 55 -0.19 -15.55 -12.55
CA ARG A 55 0.51 -15.10 -13.75
C ARG A 55 1.45 -13.92 -13.47
N GLN A 56 0.99 -12.93 -12.69
CA GLN A 56 1.81 -11.76 -12.39
C GLN A 56 2.85 -11.99 -11.29
N LEU A 57 2.49 -12.72 -10.22
CA LEU A 57 3.42 -12.98 -9.10
C LEU A 57 4.64 -13.83 -9.48
N SER A 58 4.51 -14.64 -10.52
CA SER A 58 5.64 -15.45 -11.00
C SER A 58 6.68 -14.58 -11.72
N ARG A 59 6.24 -13.47 -12.36
CA ARG A 59 7.13 -12.56 -13.06
C ARG A 59 7.92 -11.68 -12.10
N VAL A 60 7.27 -11.23 -11.01
CA VAL A 60 7.89 -10.30 -10.07
C VAL A 60 8.90 -10.94 -9.12
N ASN A 61 9.92 -10.15 -8.74
CA ASN A 61 10.98 -10.52 -7.82
C ASN A 61 11.53 -9.22 -7.25
N HIS A 62 10.98 -8.77 -6.12
CA HIS A 62 11.41 -7.52 -5.50
C HIS A 62 11.26 -7.60 -3.98
N PRO A 63 12.19 -6.99 -3.20
CA PRO A 63 12.06 -7.04 -1.73
C PRO A 63 10.80 -6.37 -1.17
N ASN A 64 10.25 -5.39 -1.87
CA ASN A 64 9.04 -4.69 -1.42
C ASN A 64 7.74 -5.25 -2.03
N ILE A 65 7.77 -6.49 -2.50
CA ILE A 65 6.64 -7.21 -3.09
C ILE A 65 6.65 -8.64 -2.53
N VAL A 66 5.49 -9.17 -2.09
CA VAL A 66 5.42 -10.53 -1.52
C VAL A 66 6.01 -11.59 -2.44
N LYS A 67 6.72 -12.56 -1.86
CA LYS A 67 7.38 -13.63 -2.60
C LYS A 67 6.46 -14.82 -2.81
N LEU A 68 6.19 -15.19 -4.07
CA LEU A 68 5.36 -16.35 -4.36
C LEU A 68 6.27 -17.57 -4.50
N TYR A 69 6.18 -18.50 -3.55
CA TYR A 69 7.00 -19.70 -3.56
C TYR A 69 6.51 -20.75 -4.57
N GLY A 70 5.21 -21.03 -4.57
CA GLY A 70 4.65 -22.00 -5.49
C GLY A 70 3.13 -22.02 -5.51
N ALA A 71 2.56 -23.00 -6.19
CA ALA A 71 1.11 -23.13 -6.28
C ALA A 71 0.66 -24.59 -6.28
N CYS A 72 -0.57 -24.83 -5.86
CA CYS A 72 -1.13 -26.18 -5.83
C CYS A 72 -2.13 -26.41 -6.98
N LEU A 73 -2.58 -27.66 -7.20
CA LEU A 73 -3.49 -27.95 -8.30
C LEU A 73 -4.86 -28.46 -7.86
N ASN A 74 -4.91 -29.37 -6.86
CA ASN A 74 -6.21 -29.90 -6.41
C ASN A 74 -6.42 -29.85 -4.89
N PRO A 75 -7.09 -28.82 -4.35
CA PRO A 75 -7.61 -27.62 -5.05
C PRO A 75 -6.54 -26.55 -5.28
N VAL A 76 -6.80 -25.63 -6.23
CA VAL A 76 -5.84 -24.58 -6.55
C VAL A 76 -5.70 -23.59 -5.41
N CYS A 77 -4.45 -23.34 -4.98
CA CYS A 77 -4.13 -22.38 -3.93
C CYS A 77 -2.70 -21.84 -4.12
N LEU A 78 -2.45 -20.58 -3.71
CA LEU A 78 -1.14 -19.95 -3.84
C LEU A 78 -0.36 -20.05 -2.53
N VAL A 79 0.95 -20.33 -2.62
CA VAL A 79 1.80 -20.44 -1.45
C VAL A 79 2.85 -19.31 -1.45
N MET A 80 2.56 -18.21 -0.74
CA MET A 80 3.46 -17.07 -0.68
C MET A 80 4.25 -17.01 0.65
N GLU A 81 5.06 -15.95 0.87
CA GLU A 81 5.79 -15.79 2.14
C GLU A 81 4.85 -15.28 3.24
N TYR A 82 5.14 -15.59 4.50
CA TYR A 82 4.30 -15.16 5.61
C TYR A 82 4.67 -13.77 6.10
N ALA A 83 3.73 -12.83 6.07
CA ALA A 83 3.97 -11.46 6.54
C ALA A 83 3.57 -11.32 8.01
N GLU A 84 4.55 -11.54 8.90
CA GLU A 84 4.42 -11.53 10.37
C GLU A 84 3.61 -10.37 10.97
N GLY A 85 3.86 -9.15 10.51
CA GLY A 85 3.22 -7.95 11.06
C GLY A 85 1.83 -7.60 10.58
N GLY A 86 1.23 -8.45 9.75
CA GLY A 86 -0.10 -8.18 9.23
C GLY A 86 -0.14 -7.02 8.25
N SER A 87 -1.31 -6.42 8.05
CA SER A 87 -1.45 -5.30 7.11
C SER A 87 -1.12 -3.94 7.73
N LEU A 88 -0.84 -2.94 6.88
CA LEU A 88 -0.60 -1.56 7.31
C LEU A 88 -1.92 -0.93 7.79
N TYR A 89 -3.08 -1.35 7.24
CA TYR A 89 -4.37 -0.84 7.68
C TYR A 89 -4.63 -1.18 9.14
N ASN A 90 -4.18 -2.35 9.61
CA ASN A 90 -4.34 -2.72 11.01
C ASN A 90 -3.40 -1.92 11.90
N VAL A 91 -2.20 -1.58 11.41
CA VAL A 91 -1.25 -0.79 12.18
C VAL A 91 -1.77 0.64 12.38
N LEU A 92 -2.37 1.23 11.34
CA LEU A 92 -2.87 2.60 11.42
C LEU A 92 -4.20 2.70 12.12
N HIS A 93 -5.19 1.90 11.68
CA HIS A 93 -6.56 2.06 12.16
C HIS A 93 -7.16 0.83 12.84
N GLY A 94 -6.38 -0.21 13.07
CA GLY A 94 -6.86 -1.46 13.65
C GLY A 94 -7.25 -1.48 15.11
N ALA A 95 -7.43 -2.70 15.64
CA ALA A 95 -7.83 -2.91 17.02
C ALA A 95 -6.77 -2.45 18.02
N GLU A 96 -7.22 -2.12 19.23
CA GLU A 96 -6.36 -1.66 20.30
C GLU A 96 -5.60 -2.85 20.92
N PRO A 97 -4.35 -2.65 21.36
CA PRO A 97 -3.59 -1.39 21.35
C PRO A 97 -2.91 -1.08 20.02
N LEU A 98 -3.07 0.16 19.55
CA LEU A 98 -2.43 0.57 18.30
C LEU A 98 -0.96 0.88 18.56
N PRO A 99 -0.06 0.54 17.61
CA PRO A 99 1.36 0.80 17.85
C PRO A 99 1.77 2.25 17.57
N TYR A 100 2.76 2.74 18.31
CA TYR A 100 3.28 4.08 18.13
C TYR A 100 4.20 4.06 16.89
N TYR A 101 4.15 5.10 16.04
CA TYR A 101 5.05 5.18 14.91
C TYR A 101 5.52 6.62 14.69
N THR A 102 6.75 6.78 14.21
CA THR A 102 7.38 8.09 13.98
C THR A 102 7.24 8.58 12.52
N ALA A 103 7.63 9.84 12.24
CA ALA A 103 7.61 10.40 10.90
C ALA A 103 8.57 9.62 9.97
N ALA A 104 9.63 9.00 10.52
CA ALA A 104 10.57 8.18 9.76
C ALA A 104 9.87 6.94 9.23
N HIS A 105 8.95 6.34 10.02
CA HIS A 105 8.19 5.18 9.60
C HIS A 105 7.21 5.54 8.50
N ALA A 106 6.49 6.66 8.66
CA ALA A 106 5.52 7.13 7.66
C ALA A 106 6.19 7.33 6.30
N MET A 107 7.39 7.91 6.29
CA MET A 107 8.11 8.14 5.06
C MET A 107 8.79 6.88 4.52
N SER A 108 9.33 6.03 5.41
CA SER A 108 9.98 4.78 5.00
C SER A 108 8.97 3.86 4.31
N TRP A 109 7.74 3.76 4.84
CA TRP A 109 6.70 2.91 4.28
C TRP A 109 6.30 3.39 2.91
N CYS A 110 6.15 4.70 2.74
CA CYS A 110 5.82 5.29 1.46
C CYS A 110 6.94 5.15 0.45
N LEU A 111 8.20 5.21 0.90
CA LEU A 111 9.35 4.99 0.02
C LEU A 111 9.34 3.54 -0.45
N GLN A 112 9.18 2.58 0.46
CA GLN A 112 9.14 1.16 0.11
C GLN A 112 7.95 0.83 -0.81
N CYS A 113 6.82 1.52 -0.63
CA CYS A 113 5.67 1.30 -1.49
C CYS A 113 5.99 1.80 -2.90
N SER A 114 6.55 3.02 -3.00
CA SER A 114 6.94 3.60 -4.28
C SER A 114 8.03 2.79 -4.97
N GLN A 115 9.00 2.26 -4.20
CA GLN A 115 10.05 1.39 -4.76
C GLN A 115 9.43 0.15 -5.42
N GLY A 116 8.47 -0.46 -4.73
CA GLY A 116 7.79 -1.65 -5.23
C GLY A 116 7.01 -1.35 -6.51
N VAL A 117 6.21 -0.27 -6.49
CA VAL A 117 5.41 0.13 -7.65
C VAL A 117 6.29 0.50 -8.83
N ALA A 118 7.46 1.11 -8.60
CA ALA A 118 8.37 1.47 -9.68
C ALA A 118 8.89 0.23 -10.42
N TYR A 119 9.13 -0.88 -9.68
CA TYR A 119 9.57 -2.16 -10.27
C TYR A 119 8.47 -2.75 -11.15
N LEU A 120 7.19 -2.59 -10.75
CA LEU A 120 6.05 -3.05 -11.53
C LEU A 120 5.91 -2.19 -12.78
N HIS A 121 6.05 -0.87 -12.64
CA HIS A 121 5.93 0.04 -13.77
C HIS A 121 7.10 -0.07 -14.75
N SER A 122 8.25 -0.63 -14.31
CA SER A 122 9.44 -0.83 -15.15
C SER A 122 9.42 -2.15 -15.93
N MET A 123 8.43 -3.02 -15.68
CA MET A 123 8.32 -4.32 -16.33
C MET A 123 8.35 -4.25 -17.84
N GLN A 124 9.01 -5.22 -18.46
CA GLN A 124 9.11 -5.28 -19.92
C GLN A 124 8.50 -6.58 -20.46
N PRO A 125 7.93 -6.59 -21.67
CA PRO A 125 7.78 -5.46 -22.62
C PRO A 125 6.63 -4.49 -22.30
N LYS A 126 5.78 -4.87 -21.34
CA LYS A 126 4.62 -4.09 -20.93
C LYS A 126 4.65 -3.88 -19.43
N ALA A 127 4.35 -2.66 -18.98
CA ALA A 127 4.34 -2.31 -17.56
C ALA A 127 3.19 -3.01 -16.83
N LEU A 128 3.37 -3.22 -15.53
CA LEU A 128 2.36 -3.88 -14.72
C LEU A 128 1.76 -2.90 -13.71
N ILE A 129 0.50 -2.52 -13.91
CA ILE A 129 -0.18 -1.58 -13.00
C ILE A 129 -0.85 -2.36 -11.86
N HIS A 130 -0.73 -1.90 -10.60
CA HIS A 130 -1.33 -2.60 -9.47
C HIS A 130 -2.86 -2.42 -9.41
N ARG A 131 -3.33 -1.18 -9.66
CA ARG A 131 -4.75 -0.78 -9.71
C ARG A 131 -5.50 -0.82 -8.38
N ASP A 132 -4.94 -1.45 -7.34
CA ASP A 132 -5.61 -1.58 -6.05
C ASP A 132 -4.65 -1.20 -4.91
N LEU A 133 -3.87 -0.13 -5.11
CA LEU A 133 -2.89 0.33 -4.14
C LEU A 133 -3.58 1.04 -2.99
N LYS A 134 -3.60 0.38 -1.83
CA LYS A 134 -4.26 0.88 -0.62
C LYS A 134 -3.65 0.21 0.60
N PRO A 135 -3.68 0.83 1.80
CA PRO A 135 -3.07 0.20 2.98
C PRO A 135 -3.54 -1.23 3.32
N PRO A 136 -4.80 -1.70 3.09
CA PRO A 136 -5.11 -3.11 3.37
C PRO A 136 -4.28 -4.09 2.52
N ASN A 137 -3.77 -3.62 1.36
CA ASN A 137 -2.95 -4.40 0.45
C ASN A 137 -1.44 -4.22 0.64
N LEU A 138 -1.01 -3.50 1.69
CA LEU A 138 0.41 -3.30 2.00
C LEU A 138 0.67 -3.99 3.33
N LEU A 139 1.54 -5.01 3.34
CA LEU A 139 1.83 -5.77 4.55
C LEU A 139 3.13 -5.36 5.17
N LEU A 140 3.29 -5.58 6.48
CA LEU A 140 4.52 -5.23 7.17
C LEU A 140 5.22 -6.45 7.76
N VAL A 141 6.56 -6.48 7.70
CA VAL A 141 7.41 -7.54 8.22
C VAL A 141 8.60 -6.90 9.00
N ALA A 142 9.41 -7.73 9.72
CA ALA A 142 10.57 -7.28 10.48
C ALA A 142 10.25 -6.16 11.49
N GLY A 143 9.30 -6.42 12.37
CA GLY A 143 8.89 -5.45 13.39
C GLY A 143 8.17 -4.24 12.84
N GLY A 144 7.54 -4.40 11.68
CA GLY A 144 6.81 -3.33 11.00
C GLY A 144 7.70 -2.32 10.28
N THR A 145 8.98 -2.65 10.07
CA THR A 145 9.91 -1.75 9.41
C THR A 145 9.97 -1.96 7.89
N VAL A 146 9.58 -3.14 7.40
CA VAL A 146 9.64 -3.43 5.98
C VAL A 146 8.24 -3.62 5.39
N LEU A 147 7.90 -2.88 4.31
CA LEU A 147 6.60 -2.94 3.65
C LEU A 147 6.69 -3.80 2.40
N LYS A 148 5.64 -4.58 2.13
CA LYS A 148 5.56 -5.46 0.96
C LYS A 148 4.17 -5.35 0.35
N ILE A 149 4.09 -5.02 -0.94
CA ILE A 149 2.83 -4.90 -1.68
C ILE A 149 2.29 -6.30 -1.99
N CYS A 150 1.00 -6.52 -1.75
CA CYS A 150 0.39 -7.83 -2.02
C CYS A 150 -0.92 -7.68 -2.85
N ASP A 151 -1.68 -8.79 -3.05
CA ASP A 151 -2.96 -8.84 -3.77
C ASP A 151 -2.88 -8.32 -5.19
N PHE A 152 -2.33 -9.14 -6.09
CA PHE A 152 -2.19 -8.79 -7.50
C PHE A 152 -3.32 -9.39 -8.36
N GLY A 153 -4.49 -9.58 -7.77
CA GLY A 153 -5.67 -10.08 -8.47
C GLY A 153 -6.28 -9.02 -9.39
N THR A 154 -6.06 -7.73 -9.06
CA THR A 154 -6.51 -6.57 -9.83
C THR A 154 -5.44 -6.15 -10.86
N ALA A 155 -4.14 -6.42 -10.57
CA ALA A 155 -2.99 -6.09 -11.42
C ALA A 155 -3.14 -6.51 -12.88
N CYS A 156 -2.74 -5.63 -13.82
CA CYS A 156 -2.85 -5.93 -15.24
C CYS A 156 -1.78 -5.24 -16.08
N ASP A 157 -1.49 -5.80 -17.27
CA ASP A 157 -0.52 -5.20 -18.19
C ASP A 157 -1.22 -4.07 -18.94
N ILE A 158 -0.56 -2.91 -19.06
CA ILE A 158 -1.13 -1.75 -19.73
C ILE A 158 -1.26 -1.94 -21.24
N MET A 162 -9.05 1.05 -20.87
CA MET A 162 -8.93 -0.16 -20.08
C MET A 162 -10.16 -0.46 -19.19
N TPO A 163 -10.09 -1.54 -18.39
CA TPO A 163 -11.17 -1.95 -17.50
CB TPO A 163 -10.90 -3.32 -16.86
CG2 TPO A 163 -12.22 -3.87 -16.27
OG1 TPO A 163 -10.36 -4.21 -17.88
P TPO A 163 -9.53 -5.42 -17.39
O1P TPO A 163 -10.16 -6.64 -18.08
O2P TPO A 163 -9.46 -5.74 -15.87
O3P TPO A 163 -8.09 -5.21 -17.91
C TPO A 163 -11.36 -0.97 -16.37
O TPO A 163 -10.49 -0.83 -15.52
N ASN A 164 -12.49 -0.28 -16.34
CA ASN A 164 -12.77 0.74 -15.34
C ASN A 164 -13.33 0.19 -14.01
N ASN A 165 -13.24 1.01 -12.94
CA ASN A 165 -13.67 0.70 -11.57
C ASN A 165 -12.82 -0.39 -10.90
N LYS A 166 -11.51 -0.14 -10.73
CA LYS A 166 -10.61 -1.10 -10.10
C LYS A 166 -9.99 -0.53 -8.83
N GLY A 167 -10.38 -1.07 -7.67
CA GLY A 167 -9.84 -0.62 -6.40
C GLY A 167 -10.87 -0.16 -5.38
N SEP A 168 -10.43 0.63 -4.38
CA SEP A 168 -11.32 1.16 -3.35
CB SEP A 168 -11.06 0.72 -1.91
OG SEP A 168 -12.22 1.09 -1.15
C SEP A 168 -11.43 2.68 -3.51
O SEP A 168 -10.41 3.35 -3.67
P SEP A 168 -13.06 -0.17 -0.80
O1P SEP A 168 -12.95 -1.29 -1.83
O2P SEP A 168 -12.60 -0.68 0.57
O3P SEP A 168 -14.53 0.26 -0.71
N ALA A 169 -12.66 3.20 -3.47
CA ALA A 169 -13.03 4.60 -3.71
C ALA A 169 -12.14 5.69 -3.10
N ALA A 170 -11.62 5.53 -1.87
CA ALA A 170 -10.80 6.56 -1.24
C ALA A 170 -9.42 6.77 -1.87
N TRP A 171 -8.80 5.70 -2.36
CA TRP A 171 -7.49 5.78 -2.99
C TRP A 171 -7.57 5.57 -4.51
N MET A 172 -8.74 5.76 -5.12
CA MET A 172 -8.92 5.53 -6.55
C MET A 172 -8.83 6.81 -7.37
N ALA A 173 -7.94 6.81 -8.38
CA ALA A 173 -7.75 7.93 -9.30
C ALA A 173 -9.08 8.30 -9.98
N PRO A 174 -9.37 9.61 -10.15
CA PRO A 174 -10.67 9.99 -10.73
C PRO A 174 -10.94 9.47 -12.14
N GLU A 175 -9.90 9.33 -12.97
CA GLU A 175 -10.07 8.82 -14.33
C GLU A 175 -10.38 7.32 -14.41
N VAL A 176 -10.12 6.58 -13.33
CA VAL A 176 -10.39 5.15 -13.29
C VAL A 176 -11.89 4.92 -13.22
N PHE A 177 -12.60 5.68 -12.36
CA PHE A 177 -14.03 5.56 -12.26
C PHE A 177 -14.79 6.40 -13.31
N GLU A 178 -14.14 7.40 -13.91
CA GLU A 178 -14.73 8.23 -14.96
C GLU A 178 -14.86 7.51 -16.31
N GLY A 179 -14.37 6.28 -16.41
CA GLY A 179 -14.41 5.55 -17.67
C GLY A 179 -13.42 6.14 -18.68
N SER A 180 -12.29 6.67 -18.18
CA SER A 180 -11.27 7.30 -19.01
C SER A 180 -10.09 6.33 -19.27
N ASN A 181 -9.27 6.66 -20.28
CA ASN A 181 -8.10 5.85 -20.58
C ASN A 181 -7.03 6.11 -19.52
N TYR A 182 -7.05 5.29 -18.46
CA TYR A 182 -6.08 5.46 -17.38
C TYR A 182 -4.77 4.77 -17.66
N SER A 183 -3.70 5.25 -17.01
CA SER A 183 -2.37 4.68 -17.17
C SER A 183 -1.80 4.28 -15.78
N GLU A 184 -0.51 3.93 -15.72
CA GLU A 184 0.17 3.62 -14.47
C GLU A 184 0.12 4.82 -13.49
N LYS A 185 -0.17 6.05 -13.98
CA LYS A 185 -0.33 7.24 -13.15
C LYS A 185 -1.54 7.16 -12.22
N CYS A 186 -2.35 6.09 -12.29
CA CYS A 186 -3.45 5.89 -11.37
C CYS A 186 -2.91 5.39 -10.03
N ASP A 187 -1.80 4.60 -10.06
CA ASP A 187 -1.10 4.12 -8.87
C ASP A 187 -0.43 5.29 -8.13
N VAL A 188 0.03 6.31 -8.88
CA VAL A 188 0.65 7.51 -8.35
C VAL A 188 -0.39 8.29 -7.52
N PHE A 189 -1.63 8.38 -8.00
CA PHE A 189 -2.69 9.06 -7.27
C PHE A 189 -2.93 8.37 -5.91
N SER A 190 -3.02 7.03 -5.94
CA SER A 190 -3.22 6.21 -4.75
C SER A 190 -2.11 6.44 -3.75
N TRP A 191 -0.86 6.51 -4.23
CA TRP A 191 0.30 6.73 -3.38
C TRP A 191 0.22 8.06 -2.65
N GLY A 192 -0.26 9.09 -3.33
CA GLY A 192 -0.42 10.41 -2.73
C GLY A 192 -1.42 10.41 -1.60
N ILE A 193 -2.50 9.62 -1.75
CA ILE A 193 -3.54 9.46 -0.72
C ILE A 193 -2.97 8.67 0.46
N ILE A 194 -2.20 7.61 0.17
CA ILE A 194 -1.54 6.79 1.19
C ILE A 194 -0.57 7.65 1.98
N LEU A 195 0.15 8.55 1.31
CA LEU A 195 1.10 9.45 1.97
C LEU A 195 0.38 10.34 2.98
N TRP A 196 -0.76 10.91 2.59
CA TRP A 196 -1.58 11.76 3.46
C TRP A 196 -2.03 10.95 4.69
N GLU A 197 -2.53 9.74 4.45
CA GLU A 197 -3.08 8.83 5.44
C GLU A 197 -2.07 8.39 6.49
N VAL A 198 -0.81 8.12 6.10
CA VAL A 198 0.18 7.68 7.07
C VAL A 198 0.73 8.86 7.89
N ILE A 199 0.77 10.06 7.31
CA ILE A 199 1.21 11.25 8.05
C ILE A 199 0.16 11.71 9.08
N THR A 200 -1.15 11.63 8.74
CA THR A 200 -2.23 12.08 9.62
C THR A 200 -2.87 10.98 10.50
N ARG A 201 -2.71 9.70 10.11
CA ARG A 201 -3.29 8.53 10.77
C ARG A 201 -4.82 8.59 10.76
N ARG A 202 -5.39 9.07 9.65
CA ARG A 202 -6.81 9.20 9.43
C ARG A 202 -7.19 8.43 8.18
N LYS A 203 -8.38 7.81 8.18
CA LYS A 203 -8.86 7.11 6.99
C LYS A 203 -9.31 8.20 6.02
N PRO A 204 -8.79 8.22 4.77
CA PRO A 204 -9.21 9.28 3.84
C PRO A 204 -10.69 9.18 3.52
N PHE A 205 -11.37 10.33 3.56
CA PHE A 205 -12.80 10.49 3.28
C PHE A 205 -13.67 9.75 4.29
N ASP A 206 -13.36 9.92 5.57
CA ASP A 206 -14.17 9.35 6.64
C ASP A 206 -15.39 10.25 6.88
N GLU A 207 -15.20 11.58 6.73
CA GLU A 207 -16.24 12.60 6.88
C GLU A 207 -17.30 12.46 5.76
N ILE A 208 -16.88 12.06 4.55
CA ILE A 208 -17.80 11.82 3.44
C ILE A 208 -18.40 10.44 3.69
N GLY A 209 -19.69 10.39 3.97
CA GLY A 209 -20.36 9.12 4.23
C GLY A 209 -20.43 8.22 3.02
N GLY A 210 -20.61 6.93 3.25
CA GLY A 210 -20.76 5.97 2.16
C GLY A 210 -22.13 6.06 1.53
N PRO A 211 -22.40 5.36 0.39
CA PRO A 211 -21.54 4.41 -0.35
C PRO A 211 -20.44 5.07 -1.19
N ALA A 212 -19.63 4.25 -1.87
CA ALA A 212 -18.50 4.66 -2.71
C ALA A 212 -18.84 5.73 -3.75
N PHE A 213 -20.07 5.74 -4.27
CA PHE A 213 -20.46 6.76 -5.27
C PHE A 213 -20.41 8.19 -4.70
N ARG A 214 -20.59 8.33 -3.38
CA ARG A 214 -20.54 9.62 -2.71
C ARG A 214 -19.11 10.15 -2.69
N ILE A 215 -18.13 9.25 -2.48
CA ILE A 215 -16.72 9.61 -2.50
C ILE A 215 -16.32 9.90 -3.95
N MET A 216 -16.73 9.03 -4.88
CA MET A 216 -16.48 9.20 -6.31
C MET A 216 -16.95 10.54 -6.83
N TRP A 217 -18.14 11.00 -6.44
CA TRP A 217 -18.63 12.31 -6.84
C TRP A 217 -17.73 13.42 -6.28
N ALA A 218 -17.33 13.30 -5.00
CA ALA A 218 -16.48 14.28 -4.34
C ALA A 218 -15.08 14.39 -4.99
N VAL A 219 -14.36 13.27 -5.13
CA VAL A 219 -13.04 13.23 -5.77
C VAL A 219 -13.13 13.70 -7.23
N HIS A 220 -14.18 13.29 -7.95
CA HIS A 220 -14.41 13.69 -9.34
C HIS A 220 -14.60 15.21 -9.46
N ASN A 221 -15.18 15.85 -8.44
CA ASN A 221 -15.38 17.29 -8.43
C ASN A 221 -14.21 18.10 -7.85
N GLY A 222 -13.05 17.47 -7.65
CA GLY A 222 -11.85 18.15 -7.18
C GLY A 222 -11.52 18.00 -5.71
N THR A 223 -12.43 17.42 -4.93
CA THR A 223 -12.21 17.24 -3.50
C THR A 223 -11.08 16.26 -3.20
N ARG A 224 -10.10 16.72 -2.43
CA ARG A 224 -8.95 15.94 -2.00
C ARG A 224 -8.90 15.95 -0.45
N PRO A 225 -8.07 15.11 0.21
CA PRO A 225 -8.02 15.14 1.68
C PRO A 225 -7.54 16.49 2.22
N PRO A 226 -7.92 16.87 3.45
CA PRO A 226 -7.52 18.19 3.97
C PRO A 226 -6.02 18.41 4.07
N LEU A 227 -5.59 19.67 3.90
CA LEU A 227 -4.17 19.97 4.00
C LEU A 227 -3.66 19.81 5.41
N ILE A 228 -2.41 19.37 5.54
CA ILE A 228 -1.83 19.08 6.84
C ILE A 228 -1.07 20.26 7.40
N LYS A 229 -1.45 20.69 8.60
CA LYS A 229 -0.83 21.81 9.31
C LYS A 229 0.63 21.48 9.61
N ASN A 230 1.55 22.43 9.38
CA ASN A 230 2.99 22.29 9.62
C ASN A 230 3.70 21.20 8.76
N LEU A 231 3.08 20.78 7.66
CA LEU A 231 3.69 19.76 6.79
C LEU A 231 4.78 20.45 5.99
N PRO A 232 5.98 19.85 5.94
CA PRO A 232 7.08 20.47 5.17
C PRO A 232 6.71 20.70 3.71
N LYS A 233 7.04 21.89 3.19
CA LYS A 233 6.75 22.26 1.80
C LYS A 233 7.24 21.25 0.76
N PRO A 234 8.46 20.63 0.87
CA PRO A 234 8.83 19.61 -0.12
C PRO A 234 7.85 18.44 -0.15
N ILE A 235 7.39 17.97 1.02
CA ILE A 235 6.43 16.87 1.12
C ILE A 235 5.04 17.28 0.62
N GLU A 236 4.62 18.49 0.97
CA GLU A 236 3.32 19.01 0.55
C GLU A 236 3.23 19.11 -0.97
N SER A 237 4.32 19.55 -1.63
CA SER A 237 4.33 19.67 -3.08
C SER A 237 4.29 18.30 -3.72
N LEU A 238 5.05 17.33 -3.19
CA LEU A 238 5.07 15.99 -3.76
C LEU A 238 3.69 15.34 -3.67
N MET A 239 3.07 15.42 -2.49
CA MET A 239 1.76 14.84 -2.19
C MET A 239 0.67 15.42 -3.09
N THR A 240 0.53 16.74 -3.16
CA THR A 240 -0.49 17.38 -3.99
C THR A 240 -0.23 17.22 -5.51
N ARG A 241 1.02 16.94 -5.94
CA ARG A 241 1.32 16.68 -7.35
C ARG A 241 0.73 15.33 -7.77
N CYS A 242 0.76 14.34 -6.87
CA CYS A 242 0.18 13.00 -7.04
C CYS A 242 -1.37 13.08 -7.12
N TRP A 243 -1.98 14.08 -6.44
CA TRP A 243 -3.42 14.28 -6.43
C TRP A 243 -3.92 15.08 -7.65
N SER A 244 -3.04 15.47 -8.59
CA SER A 244 -3.46 16.26 -9.74
C SER A 244 -4.59 15.60 -10.53
N LYS A 245 -5.56 16.39 -10.99
CA LYS A 245 -6.65 15.85 -11.80
C LYS A 245 -6.08 15.32 -13.13
N ASP A 246 -5.08 16.04 -13.68
CA ASP A 246 -4.41 15.63 -14.89
C ASP A 246 -3.36 14.57 -14.53
N PRO A 247 -3.50 13.34 -15.04
CA PRO A 247 -2.52 12.30 -14.73
C PRO A 247 -1.13 12.61 -15.26
N SER A 248 -1.02 13.38 -16.37
CA SER A 248 0.29 13.77 -16.91
C SER A 248 0.99 14.84 -16.05
N GLN A 249 0.24 15.54 -15.19
CA GLN A 249 0.78 16.50 -14.23
C GLN A 249 1.35 15.79 -12.96
N ARG A 250 0.97 14.52 -12.73
CA ARG A 250 1.46 13.71 -11.63
C ARG A 250 2.89 13.21 -11.94
N PRO A 251 3.77 13.13 -10.93
CA PRO A 251 5.12 12.60 -11.18
C PRO A 251 5.11 11.10 -11.46
N SER A 252 6.17 10.61 -12.10
CA SER A 252 6.33 9.18 -12.32
C SER A 252 6.71 8.50 -10.99
N MET A 253 6.41 7.20 -10.84
CA MET A 253 6.75 6.45 -9.62
C MET A 253 8.28 6.37 -9.43
N GLU A 254 9.07 6.46 -10.51
CA GLU A 254 10.53 6.47 -10.44
C GLU A 254 11.04 7.81 -9.91
N GLU A 255 10.36 8.91 -10.24
CA GLU A 255 10.69 10.22 -9.70
C GLU A 255 10.34 10.26 -8.21
N ILE A 256 9.25 9.58 -7.80
CA ILE A 256 8.85 9.50 -6.40
C ILE A 256 9.92 8.75 -5.61
N VAL A 257 10.44 7.64 -6.15
CA VAL A 257 11.52 6.90 -5.47
C VAL A 257 12.75 7.79 -5.25
N LYS A 258 13.17 8.55 -6.26
CA LYS A 258 14.34 9.43 -6.15
C LYS A 258 14.11 10.49 -5.09
N ILE A 259 12.94 11.14 -5.12
CA ILE A 259 12.60 12.18 -4.16
C ILE A 259 12.51 11.66 -2.73
N MET A 260 11.76 10.58 -2.50
CA MET A 260 11.63 10.00 -1.17
C MET A 260 12.97 9.50 -0.66
N THR A 261 13.82 8.91 -1.52
CA THR A 261 15.15 8.44 -1.12
C THR A 261 15.99 9.58 -0.52
N HIS A 262 15.93 10.76 -1.15
CA HIS A 262 16.62 11.98 -0.74
C HIS A 262 16.10 12.56 0.55
N LEU A 263 14.77 12.53 0.77
CA LEU A 263 14.19 13.04 2.02
C LEU A 263 14.53 12.17 3.22
N MET A 264 14.79 10.86 3.01
CA MET A 264 15.15 9.95 4.09
C MET A 264 16.41 10.37 4.87
N ARG A 265 17.19 11.31 4.33
CA ARG A 265 18.35 11.88 5.02
C ARG A 265 17.87 12.62 6.29
N TYR A 266 16.70 13.25 6.22
CA TYR A 266 16.11 14.00 7.31
C TYR A 266 15.09 13.19 8.15
N PHE A 267 15.00 11.88 7.89
CA PHE A 267 14.15 10.95 8.62
C PHE A 267 14.94 9.72 9.09
N PRO A 268 15.89 9.91 10.02
CA PRO A 268 16.61 8.74 10.55
C PRO A 268 15.79 7.94 11.57
N GLY A 269 16.18 6.69 11.79
CA GLY A 269 15.51 5.83 12.73
C GLY A 269 14.34 5.05 12.19
N ALA A 270 14.28 4.89 10.88
CA ALA A 270 13.21 4.13 10.24
C ALA A 270 13.31 2.61 10.49
N ASP A 271 14.49 2.13 10.92
CA ASP A 271 14.75 0.72 11.16
C ASP A 271 14.41 0.26 12.59
N GLU A 272 13.76 1.12 13.39
CA GLU A 272 13.33 0.80 14.75
C GLU A 272 11.98 0.07 14.71
N PRO A 273 11.89 -1.12 15.32
CA PRO A 273 10.61 -1.85 15.31
C PRO A 273 9.50 -1.13 16.06
N LEU A 274 8.25 -1.41 15.69
CA LEU A 274 7.10 -0.82 16.37
C LEU A 274 6.90 -1.63 17.65
N GLN A 275 7.17 -1.02 18.81
CA GLN A 275 7.05 -1.76 20.08
C GLN A 275 6.35 -0.98 21.20
N TYR A 276 6.09 0.31 21.01
CA TYR A 276 5.46 1.13 22.04
C TYR A 276 3.97 1.24 21.82
N PRO A 277 3.17 1.26 22.90
CA PRO A 277 1.71 1.39 22.73
C PRO A 277 1.27 2.81 22.40
N CYS A 278 0.03 2.97 21.93
CA CYS A 278 -0.47 4.29 21.60
C CYS A 278 -1.90 4.48 22.09
N GLN A 279 -2.05 5.33 23.09
CA GLN A 279 -3.38 5.66 23.62
C GLN A 279 -3.91 7.00 23.06
N HIS A 280 -3.12 7.69 22.21
CA HIS A 280 -3.49 8.94 21.56
C HIS A 280 -4.43 8.63 20.39
N SER A 281 -5.55 7.98 20.70
CA SER A 281 -6.59 7.65 19.75
C SER A 281 -7.54 8.85 19.84
N LEU A 282 -7.02 10.02 19.44
CA LEU A 282 -7.77 11.26 19.54
C LEU A 282 -7.94 11.94 18.19
N PRO A 283 -9.18 12.14 17.72
CA PRO A 283 -9.38 12.87 16.46
C PRO A 283 -9.58 14.38 16.69
N PRO A 284 -8.53 15.23 16.60
CA PRO A 284 -8.72 16.66 16.87
C PRO A 284 -9.63 17.42 15.87
N GLY A 285 -9.83 18.71 16.14
CA GLY A 285 -10.69 19.61 15.37
C GLY A 285 -10.43 19.75 13.88
N GLU A 286 -11.54 19.69 13.11
CA GLU A 286 -11.52 19.83 11.66
C GLU A 286 -11.94 21.28 11.31
N ASP A 287 -11.03 22.05 10.70
CA ASP A 287 -11.32 23.44 10.33
C ASP A 287 -10.64 23.81 9.02
N GLY A 288 -10.68 22.90 8.05
CA GLY A 288 -10.03 23.10 6.76
C GLY A 288 -8.66 22.45 6.69
N ARG A 289 -7.98 22.37 7.84
CA ARG A 289 -6.66 21.76 7.97
C ARG A 289 -6.67 20.72 9.11
N VAL A 290 -5.85 19.68 8.97
CA VAL A 290 -5.73 18.65 9.99
C VAL A 290 -4.33 18.61 10.58
N GLU A 291 -4.22 18.12 11.82
CA GLU A 291 -2.93 18.01 12.48
C GLU A 291 -2.28 16.71 12.06
N PRO A 292 -0.96 16.72 11.83
CA PRO A 292 -0.27 15.45 11.56
C PRO A 292 -0.17 14.58 12.83
N TYR A 293 -0.23 13.28 12.67
CA TYR A 293 -0.03 12.36 13.79
C TYR A 293 1.49 12.37 14.09
N VAL A 294 2.33 12.28 13.04
CA VAL A 294 3.77 12.31 13.16
C VAL A 294 4.29 13.72 13.48
N ASP A 295 5.55 13.83 13.92
CA ASP A 295 6.12 15.12 14.28
C ASP A 295 7.25 15.47 13.31
N PHE A 296 7.21 16.68 12.74
CA PHE A 296 8.24 17.10 11.80
C PHE A 296 9.31 18.00 12.40
N ALA A 297 9.34 18.15 13.74
CA ALA A 297 10.31 18.98 14.45
C ALA A 297 11.75 18.51 14.22
N GLU A 298 11.99 17.19 14.24
CA GLU A 298 13.32 16.67 13.98
C GLU A 298 13.70 16.87 12.51
N PHE A 299 12.72 16.79 11.58
CA PHE A 299 12.98 17.05 10.16
C PHE A 299 13.48 18.48 9.97
N TYR A 300 12.75 19.48 10.49
CA TYR A 300 13.13 20.87 10.32
C TYR A 300 14.51 21.18 10.89
N ARG A 301 14.89 20.48 11.97
CA ARG A 301 16.17 20.60 12.64
C ARG A 301 17.30 20.08 11.73
N LEU A 302 17.15 18.87 11.17
CA LEU A 302 18.14 18.27 10.29
C LEU A 302 18.27 19.00 8.96
N TRP A 303 17.15 19.57 8.46
CA TRP A 303 17.13 20.34 7.23
C TRP A 303 17.91 21.64 7.41
N SER A 304 17.80 22.28 8.57
CA SER A 304 18.54 23.51 8.86
C SER A 304 20.05 23.27 8.90
N VAL A 305 20.48 22.09 9.36
CA VAL A 305 21.90 21.74 9.44
C VAL A 305 22.55 21.76 8.03
N ASP A 306 21.79 21.35 7.01
CA ASP A 306 22.29 21.36 5.64
C ASP A 306 21.99 22.68 4.93
N HIS A 307 20.75 23.19 5.03
CA HIS A 307 20.33 24.41 4.36
C HIS A 307 20.23 25.60 5.32
N GLY A 308 21.36 26.26 5.56
CA GLY A 308 21.44 27.45 6.42
C GLY A 308 20.74 27.34 7.77
C2 A1IED B . -4.83 -9.61 4.21
C3 A1IED B . -3.96 -8.79 5.19
O1 A1IED B . -4.29 -9.52 2.89
C11 A1IED B . -2.27 -10.75 10.55
C14 A1IED B . -1.45 -10.69 12.65
C15 A1IED B . -0.50 -11.29 11.93
C16 A1IED B . -1.00 -11.35 10.54
C17 A1IED B . -0.48 -11.85 9.36
C18 A1IED B . -1.24 -11.72 8.20
C19 A1IED B . -0.64 -12.19 6.93
C20 A1IED B . -1.02 -11.89 5.64
C21 A1IED B . -0.07 -12.58 4.83
C24 A1IED B . -0.01 -12.59 3.35
C26 A1IED B . -0.98 -12.19 1.28
C27 A1IED B . 0.19 -12.54 0.62
C28 A1IED B . 1.32 -12.92 1.37
C29 A1IED B . 1.20 -12.93 2.75
C30 A1IED B . -2.15 -11.77 0.48
C4 A1IED B . -4.48 -8.92 6.64
C5 A1IED B . -4.58 -10.39 7.09
C6 A1IED B . -5.44 -11.19 6.10
C7 A1IED B . -4.89 -11.08 4.66
O8 A1IED B . -3.26 -10.97 7.13
C9 A1IED B . -2.52 -11.09 8.27
N10 A1IED B . -2.98 -10.64 9.43
N12 A1IED B . -2.51 -10.36 11.85
N22 A1IED B . 0.77 -13.14 5.67
O23 A1IED B . 0.48 -12.92 6.82
N25 A1IED B . -1.06 -12.21 2.62
N31 A1IED B . -3.31 -11.45 1.07
O32 A1IED B . -2.05 -11.72 -0.74
C1 EDO C . 5.04 15.73 -14.41
O1 EDO C . 5.03 16.75 -13.41
C2 EDO C . 6.35 14.98 -14.37
O2 EDO C . 6.19 13.69 -14.96
C1 EDO D . 2.27 -1.95 20.86
O1 EDO D . 1.27 -1.65 21.82
C2 EDO D . 3.14 -3.09 21.33
O2 EDO D . 3.74 -3.73 20.22
C1 EDO E . 13.79 0.07 6.35
O1 EDO E . 13.98 -0.50 5.07
C2 EDO E . 15.06 -0.06 7.16
O2 EDO E . 14.92 -1.09 8.14
#